data_3Q1S
#
_entry.id   3Q1S
#
_cell.length_a   56.623
_cell.length_b   99.216
_cell.length_c   105.533
_cell.angle_alpha   90.00
_cell.angle_beta   90.00
_cell.angle_gamma   90.00
#
_symmetry.space_group_name_H-M   'P 21 21 21'
#
loop_
_entity.id
_entity.type
_entity.pdbx_description
1 polymer 'Z13e1 Fab light chain'
2 polymer 'Z13e1 Fab heavy chain'
3 polymer Interleukin-22
4 non-polymer 'ISOPROPYL ALCOHOL'
5 non-polymer GLYCEROL
6 water water
#
loop_
_entity_poly.entity_id
_entity_poly.type
_entity_poly.pdbx_seq_one_letter_code
_entity_poly.pdbx_strand_id
1 'polypeptide(L)'
;ELTQSPATLSLSPGERATLSCRASQSVGRNLGWYQQKPGQAPRLLIYDASNRATGIPARFSGSGSGTDFTLTISSLEPED
FAVYYCQARLLLPQTFGQGTKVEIKRTVAAPSVFIFPPSDEQLKSGTASVVCLLNNFYPREAKVQWKVDNALQSGNSQES
VTEQDSKDSTYSLSSTLTLSKADYEKHKVYACEVTHQGLSSPVTKSFNRGEC
;
L
2 'polypeptide(L)'
;EVQLLESGPGLLKPSETLSLTCTVSGGSMINYYWSWIRQPPGERPQWLGHIIYGGTTKYNPSLESRITISRDISKNQFSL
RLNSVTAADTAIYYCARVAIGVSGFLNYYYYMDVWGSGTAVTVSSASTKGPSVFPLAPSSKSTSGGTAALGCLVKDYFPE
PVTVSWNSGALTSGVHTFPAVLQSSGLYSLSSVVTVPSSSLGTQTYICNVNHKPSNTKVDKKVEPKSCDK
;
H
3 'polypeptide(L)'
;QGGAAAPISSHCRLDKSNFQQPYITNRTFMLAKEAWNWDDITDVRLIGEKLFHGVSMSERCYLMKQVLNFTLEEVLFPQS
DRFQPYMQEVVPFLARLSNRLSTCHIEGDDLHIQRNVQKLKDTVKKLGESGEIKAIGELDLLFMSLRNACI
;
I
#
# COMPACT_ATOMS: atom_id res chain seq x y z
N GLU A 1 3.51 3.72 -16.28
CA GLU A 1 3.40 2.79 -15.13
C GLU A 1 4.76 2.62 -14.47
N LEU A 2 4.79 2.07 -13.25
CA LEU A 2 6.03 2.06 -12.43
C LEU A 2 6.49 0.64 -12.14
N THR A 3 7.77 0.36 -12.41
CA THR A 3 8.34 -0.97 -12.29
C THR A 3 9.47 -0.95 -11.27
N GLN A 4 9.29 -1.74 -10.20
CA GLN A 4 10.29 -1.83 -9.18
C GLN A 4 11.08 -3.09 -9.26
N SER A 5 12.36 -2.94 -8.93
CA SER A 5 13.38 -4.01 -8.97
C SER A 5 14.39 -3.90 -7.84
N PRO A 6 14.74 -5.07 -7.27
CA PRO A 6 14.13 -6.43 -7.45
C PRO A 6 12.86 -6.58 -6.60
N ALA A 7 12.11 -7.65 -6.77
CA ALA A 7 10.96 -7.93 -5.89
C ALA A 7 11.40 -8.01 -4.44
N THR A 8 12.52 -8.70 -4.21
CA THR A 8 13.12 -8.91 -2.87
C THR A 8 14.61 -8.68 -2.88
N LEU A 9 15.10 -7.92 -1.95
CA LEU A 9 16.51 -7.65 -1.84
C LEU A 9 16.96 -8.20 -0.50
N SER A 10 17.88 -9.16 -0.51
CA SER A 10 18.42 -9.77 0.69
C SER A 10 19.81 -9.23 1.02
N LEU A 11 19.91 -8.48 2.11
CA LEU A 11 21.14 -7.82 2.47
C LEU A 11 21.41 -7.93 3.93
N SER A 12 22.67 -7.67 4.31
CA SER A 12 23.07 -7.70 5.70
C SER A 12 22.94 -6.31 6.33
N PRO A 13 22.67 -6.26 7.64
CA PRO A 13 22.69 -4.97 8.36
C PRO A 13 24.02 -4.24 8.19
N GLY A 14 23.98 -2.91 8.16
CA GLY A 14 25.16 -2.11 7.86
C GLY A 14 25.54 -2.11 6.38
N GLU A 15 24.93 -2.96 5.57
CA GLU A 15 25.18 -2.97 4.14
C GLU A 15 24.47 -1.79 3.46
N ARG A 16 24.97 -1.38 2.30
CA ARG A 16 24.32 -0.32 1.51
C ARG A 16 23.29 -0.94 0.57
N ALA A 17 22.11 -0.35 0.49
CA ALA A 17 21.05 -0.93 -0.29
C ALA A 17 20.69 0.05 -1.41
N THR A 18 20.49 -0.48 -2.62
CA THR A 18 20.10 0.33 -3.74
C THR A 18 18.85 -0.27 -4.39
N LEU A 19 17.79 0.53 -4.46
CA LEU A 19 16.53 0.08 -5.05
C LEU A 19 16.23 0.91 -6.28
N SER A 20 15.67 0.26 -7.29
CA SER A 20 15.32 0.90 -8.53
C SER A 20 13.80 1.00 -8.73
N CYS A 21 13.42 2.11 -9.36
CA CYS A 21 12.11 2.28 -9.93
C CYS A 21 12.29 2.85 -11.36
N ARG A 22 11.66 2.23 -12.34
CA ARG A 22 11.59 2.78 -13.68
C ARG A 22 10.18 3.12 -14.12
N ALA A 23 9.98 4.34 -14.61
CA ALA A 23 8.68 4.75 -15.14
C ALA A 23 8.66 4.53 -16.64
N SER A 24 7.51 4.17 -17.19
CA SER A 24 7.41 3.89 -18.62
C SER A 24 7.36 5.17 -19.49
N GLN A 25 6.94 6.28 -18.88
CA GLN A 25 7.01 7.59 -19.49
C GLN A 25 7.63 8.55 -18.46
N SER A 26 8.24 9.64 -18.92
CA SER A 26 8.89 10.56 -17.99
C SER A 26 7.93 11.09 -16.91
N VAL A 27 8.38 11.14 -15.67
CA VAL A 27 7.65 11.81 -14.62
C VAL A 27 8.44 13.01 -14.15
N GLY A 28 9.43 13.44 -14.92
CA GLY A 28 10.24 14.60 -14.54
C GLY A 28 10.99 14.26 -13.26
N ARG A 29 10.93 15.11 -12.26
CA ARG A 29 11.48 14.68 -10.96
C ARG A 29 10.44 14.38 -9.88
N ASN A 30 9.17 14.23 -10.25
CA ASN A 30 8.10 14.18 -9.27
C ASN A 30 7.77 12.74 -8.81
N LEU A 31 8.82 12.06 -8.37
CA LEU A 31 8.71 10.70 -7.88
C LEU A 31 8.89 10.70 -6.38
N GLY A 32 8.08 9.89 -5.72
CA GLY A 32 8.28 9.64 -4.30
C GLY A 32 8.50 8.17 -3.95
N TRP A 33 9.10 7.96 -2.79
CA TRP A 33 9.35 6.68 -2.21
C TRP A 33 8.72 6.64 -0.84
N TYR A 34 8.11 5.50 -0.56
CA TYR A 34 7.45 5.22 0.69
C TYR A 34 8.01 3.95 1.30
N GLN A 35 8.03 3.91 2.63
CA GLN A 35 8.40 2.76 3.42
C GLN A 35 7.17 2.25 4.16
N GLN A 36 6.98 0.91 4.17
CA GLN A 36 6.01 0.27 5.02
C GLN A 36 6.61 -0.96 5.68
N LYS A 37 6.49 -0.99 7.00
CA LYS A 37 6.88 -2.12 7.81
C LYS A 37 5.65 -2.90 8.09
N PRO A 38 5.78 -4.18 8.49
CA PRO A 38 4.54 -4.95 8.61
C PRO A 38 3.75 -4.48 9.80
N GLY A 39 2.45 -4.45 9.63
CA GLY A 39 1.56 -4.01 10.67
C GLY A 39 1.23 -2.56 10.56
N GLN A 40 2.06 -1.79 9.85
CA GLN A 40 1.98 -0.33 9.86
C GLN A 40 1.61 0.31 8.53
N ALA A 41 1.21 1.57 8.63
CA ALA A 41 0.84 2.37 7.51
C ALA A 41 2.11 2.72 6.73
N PRO A 42 1.97 2.91 5.43
CA PRO A 42 3.10 3.41 4.73
C PRO A 42 3.43 4.81 5.21
N ARG A 43 4.67 5.18 4.94
CA ARG A 43 5.19 6.45 5.30
C ARG A 43 5.99 7.10 4.15
N LEU A 44 5.75 8.40 3.88
CA LEU A 44 6.55 9.10 2.88
C LEU A 44 8.01 9.18 3.32
N LEU A 45 8.92 8.81 2.43
CA LEU A 45 10.32 8.77 2.75
C LEU A 45 11.12 9.83 2.00
N ILE A 46 10.91 9.88 0.68
CA ILE A 46 11.56 10.79 -0.25
C ILE A 46 10.54 11.39 -1.22
N TYR A 47 10.63 12.69 -1.49
CA TYR A 47 9.77 13.31 -2.47
C TYR A 47 10.60 14.11 -3.49
N ASP A 48 10.03 14.30 -4.70
CA ASP A 48 10.68 15.02 -5.78
C ASP A 48 12.07 14.43 -6.01
N ALA A 49 12.11 13.11 -5.97
CA ALA A 49 13.24 12.28 -6.38
C ALA A 49 14.32 12.22 -5.34
N SER A 50 14.59 13.34 -4.67
CA SER A 50 15.76 13.40 -3.81
C SER A 50 15.58 14.14 -2.49
N ASN A 51 14.39 14.61 -2.12
CA ASN A 51 14.22 15.34 -0.87
C ASN A 51 13.72 14.41 0.21
N ARG A 52 14.39 14.41 1.36
CA ARG A 52 13.93 13.65 2.51
C ARG A 52 12.65 14.31 3.07
N ALA A 53 11.66 13.49 3.31
CA ALA A 53 10.50 13.91 4.00
C ALA A 53 10.82 14.18 5.48
N THR A 54 9.88 14.83 6.16
CA THR A 54 10.01 15.18 7.56
C THR A 54 10.34 13.96 8.40
N GLY A 55 11.38 14.09 9.23
CA GLY A 55 11.75 13.08 10.17
C GLY A 55 12.60 11.97 9.59
N ILE A 56 12.95 12.04 8.31
CA ILE A 56 13.60 10.91 7.69
C ILE A 56 15.11 11.05 7.82
N PRO A 57 15.80 10.04 8.34
CA PRO A 57 17.22 10.27 8.58
C PRO A 57 18.12 10.25 7.34
N ALA A 58 19.37 10.63 7.57
CA ALA A 58 20.32 11.02 6.53
C ALA A 58 20.81 9.81 5.70
N ARG A 59 20.72 8.61 6.24
CA ARG A 59 21.12 7.45 5.46
C ARG A 59 20.23 7.15 4.24
N PHE A 60 19.04 7.76 4.21
CA PHE A 60 18.14 7.64 3.08
C PHE A 60 18.44 8.76 2.08
N SER A 61 18.60 8.40 0.82
CA SER A 61 18.83 9.39 -0.22
C SER A 61 18.24 8.87 -1.51
N GLY A 62 17.95 9.76 -2.44
CA GLY A 62 17.36 9.34 -3.70
C GLY A 62 17.88 10.16 -4.85
N SER A 63 17.82 9.63 -6.05
CA SER A 63 18.21 10.40 -7.23
C SER A 63 17.51 9.83 -8.44
N GLY A 64 17.70 10.52 -9.56
CA GLY A 64 17.11 10.16 -10.83
C GLY A 64 16.20 11.26 -11.35
N SER A 65 15.71 11.05 -12.56
CA SER A 65 14.93 12.01 -13.31
C SER A 65 14.40 11.32 -14.57
N GLY A 66 13.26 11.80 -15.03
CA GLY A 66 12.63 11.30 -16.23
C GLY A 66 11.92 10.01 -15.88
N THR A 67 12.62 8.94 -16.17
CA THR A 67 12.11 7.60 -16.17
C THR A 67 12.88 6.73 -15.12
N ASP A 68 14.16 7.02 -14.82
CA ASP A 68 15.01 6.14 -13.99
C ASP A 68 15.34 6.74 -12.65
N PHE A 69 14.99 6.02 -11.60
CA PHE A 69 15.12 6.53 -10.25
C PHE A 69 15.71 5.46 -9.33
N THR A 70 16.43 5.95 -8.32
CA THR A 70 17.14 5.11 -7.39
C THR A 70 16.91 5.62 -5.97
N LEU A 71 16.63 4.70 -5.05
CA LEU A 71 16.63 5.00 -3.60
C LEU A 71 17.83 4.28 -2.97
N THR A 72 18.63 5.02 -2.21
CA THR A 72 19.79 4.42 -1.54
C THR A 72 19.61 4.50 -0.02
N ILE A 73 20.02 3.43 0.68
CA ILE A 73 20.11 3.47 2.15
C ILE A 73 21.57 3.16 2.38
N SER A 74 22.34 4.12 2.90
CA SER A 74 23.80 4.02 2.86
C SER A 74 24.32 2.95 3.80
N SER A 75 23.62 2.77 4.92
CA SER A 75 23.94 1.70 5.86
C SER A 75 22.68 1.18 6.54
N LEU A 76 22.24 0.00 6.15
CA LEU A 76 20.99 -0.56 6.68
C LEU A 76 21.01 -0.77 8.19
N GLU A 77 20.00 -0.23 8.87
CA GLU A 77 19.76 -0.48 10.29
C GLU A 77 18.66 -1.54 10.41
N PRO A 78 18.43 -2.07 11.64
CA PRO A 78 17.42 -3.12 11.82
C PRO A 78 16.04 -2.69 11.38
N GLU A 79 15.69 -1.51 11.82
CA GLU A 79 14.44 -0.86 11.45
C GLU A 79 14.25 -0.62 9.92
N ASP A 80 15.25 -0.80 9.07
CA ASP A 80 15.11 -0.46 7.63
C ASP A 80 14.62 -1.63 6.79
N PHE A 81 14.56 -2.82 7.40
CA PHE A 81 14.12 -4.02 6.68
C PHE A 81 12.60 -4.00 6.62
N ALA A 82 12.07 -3.83 5.43
CA ALA A 82 10.69 -3.41 5.22
C ALA A 82 10.44 -3.42 3.71
N VAL A 83 9.24 -3.03 3.30
CA VAL A 83 8.87 -2.84 1.90
C VAL A 83 8.96 -1.35 1.52
N TYR A 84 9.52 -1.11 0.35
CA TYR A 84 9.61 0.22 -0.23
C TYR A 84 8.83 0.31 -1.52
N TYR A 85 7.99 1.32 -1.58
CA TYR A 85 7.17 1.60 -2.77
C TYR A 85 7.51 2.90 -3.43
N CYS A 86 7.49 2.92 -4.77
CA CYS A 86 7.56 4.20 -5.51
C CYS A 86 6.21 4.66 -6.02
N GLN A 87 6.09 5.95 -6.32
CA GLN A 87 4.80 6.57 -6.70
C GLN A 87 5.12 7.89 -7.31
N ALA A 88 4.40 8.28 -8.34
CA ALA A 88 4.68 9.54 -9.08
C ALA A 88 3.38 10.03 -9.67
N ARG A 89 2.94 11.21 -9.26
CA ARG A 89 1.67 11.76 -9.77
C ARG A 89 0.48 10.84 -9.48
N LEU A 90 -0.66 11.04 -10.08
CA LEU A 90 -1.79 10.17 -9.88
C LEU A 90 -1.91 9.25 -11.12
N LEU A 91 -1.26 8.11 -11.02
CA LEU A 91 -1.26 7.12 -12.07
C LEU A 91 -2.34 6.12 -11.66
N LEU A 92 -3.19 5.78 -12.61
CA LEU A 92 -4.20 4.77 -12.43
C LEU A 92 -4.04 3.69 -13.54
N PRO A 93 -4.34 2.42 -13.25
CA PRO A 93 -4.94 1.88 -12.05
C PRO A 93 -3.98 1.66 -10.90
N GLN A 94 -2.69 1.55 -11.16
CA GLN A 94 -1.75 1.36 -10.08
C GLN A 94 -0.92 2.61 -9.82
N THR A 95 -1.25 3.25 -8.70
CA THR A 95 -0.61 4.47 -8.26
C THR A 95 0.74 4.17 -7.65
N PHE A 96 0.91 2.98 -7.10
CA PHE A 96 2.17 2.59 -6.50
C PHE A 96 2.77 1.46 -7.30
N GLY A 97 4.08 1.44 -7.34
CA GLY A 97 4.79 0.29 -7.79
C GLY A 97 4.55 -0.96 -6.95
N GLN A 98 5.10 -2.08 -7.42
CA GLN A 98 4.85 -3.37 -6.84
C GLN A 98 5.50 -3.47 -5.47
N GLY A 99 6.52 -2.65 -5.22
CA GLY A 99 7.24 -2.78 -3.98
C GLY A 99 8.48 -3.62 -4.07
N THR A 100 9.49 -3.23 -3.30
CA THR A 100 10.67 -4.06 -3.08
C THR A 100 10.76 -4.34 -1.59
N LYS A 101 10.80 -5.62 -1.22
CA LYS A 101 10.94 -6.07 0.14
C LYS A 101 12.45 -6.19 0.42
N VAL A 102 12.94 -5.49 1.43
CA VAL A 102 14.32 -5.60 1.90
C VAL A 102 14.33 -6.53 3.14
N GLU A 103 14.92 -7.71 2.91
CA GLU A 103 14.96 -8.85 3.83
C GLU A 103 16.39 -9.01 4.37
N ILE A 104 16.51 -9.56 5.55
CA ILE A 104 17.79 -9.79 6.12
C ILE A 104 18.32 -11.07 5.49
N LYS A 105 19.50 -10.99 4.90
CA LYS A 105 20.22 -12.14 4.38
C LYS A 105 20.94 -12.83 5.52
N ARG A 106 20.97 -14.16 5.45
CA ARG A 106 21.80 -14.97 6.33
C ARG A 106 22.11 -16.27 5.63
N THR A 107 22.97 -17.07 6.24
CA THR A 107 23.34 -18.35 5.72
C THR A 107 22.15 -19.28 5.84
N VAL A 108 22.10 -20.25 4.95
CA VAL A 108 21.02 -21.21 4.93
C VAL A 108 20.89 -21.87 6.30
N ALA A 109 19.66 -22.05 6.77
CA ALA A 109 19.42 -22.75 8.05
C ALA A 109 18.25 -23.71 7.83
N ALA A 110 18.48 -24.98 8.05
CA ALA A 110 17.46 -25.96 7.90
C ALA A 110 16.39 -25.85 8.99
N PRO A 111 15.12 -26.17 8.67
CA PRO A 111 14.08 -26.16 9.68
C PRO A 111 14.19 -27.32 10.64
N SER A 112 13.92 -27.11 11.91
CA SER A 112 13.54 -28.20 12.82
C SER A 112 12.09 -28.52 12.59
N VAL A 113 11.77 -29.79 12.41
CA VAL A 113 10.41 -30.19 12.07
C VAL A 113 9.75 -30.98 13.20
N PHE A 114 8.47 -30.69 13.46
CA PHE A 114 7.74 -31.31 14.59
C PHE A 114 6.33 -31.57 14.10
N ILE A 115 5.78 -32.72 14.50
CA ILE A 115 4.39 -33.05 14.26
C ILE A 115 3.61 -33.13 15.58
N PHE A 116 2.40 -32.56 15.60
CA PHE A 116 1.52 -32.72 16.78
C PHE A 116 0.20 -33.40 16.42
N PRO A 117 -0.10 -34.51 17.09
CA PRO A 117 -1.41 -35.10 16.81
C PRO A 117 -2.57 -34.30 17.46
N PRO A 118 -3.81 -34.50 17.00
CA PRO A 118 -4.92 -33.82 17.65
C PRO A 118 -4.92 -34.15 19.13
N SER A 119 -5.13 -33.16 19.98
CA SER A 119 -5.38 -33.38 21.40
C SER A 119 -6.67 -34.14 21.66
N ASP A 120 -6.75 -34.77 22.84
CA ASP A 120 -7.90 -35.58 23.17
C ASP A 120 -9.16 -34.70 23.38
N GLU A 121 -8.96 -33.55 24.00
CA GLU A 121 -10.06 -32.58 24.16
C GLU A 121 -10.73 -32.26 22.81
N GLN A 122 -9.95 -32.04 21.76
CA GLN A 122 -10.55 -31.72 20.45
C GLN A 122 -11.30 -32.91 19.80
N LEU A 123 -10.76 -34.12 19.87
CA LEU A 123 -11.44 -35.29 19.25
C LEU A 123 -12.85 -35.52 19.76
N LYS A 124 -13.07 -35.31 21.04
CA LYS A 124 -14.41 -35.46 21.57
C LYS A 124 -15.27 -34.26 21.19
N SER A 125 -14.75 -33.32 20.40
CA SER A 125 -15.58 -32.26 19.81
C SER A 125 -16.08 -32.67 18.42
N GLY A 126 -15.50 -33.72 17.84
CA GLY A 126 -15.88 -34.18 16.51
C GLY A 126 -14.86 -33.86 15.43
N THR A 127 -13.85 -33.04 15.72
CA THR A 127 -12.88 -32.67 14.70
C THR A 127 -11.45 -33.03 15.08
N ALA A 128 -10.63 -33.25 14.06
CA ALA A 128 -9.22 -33.64 14.19
C ALA A 128 -8.31 -32.64 13.47
N SER A 129 -7.46 -31.94 14.20
CA SER A 129 -6.42 -31.11 13.58
C SER A 129 -5.04 -31.70 13.81
N VAL A 130 -4.30 -31.87 12.72
CA VAL A 130 -2.89 -32.28 12.80
C VAL A 130 -2.00 -31.09 12.45
N VAL A 131 -1.08 -30.74 13.35
CA VAL A 131 -0.17 -29.62 13.13
C VAL A 131 1.30 -30.09 12.86
N CYS A 132 1.87 -29.59 11.75
CA CYS A 132 3.27 -29.76 11.43
C CYS A 132 3.93 -28.37 11.53
N LEU A 133 4.98 -28.29 12.33
CA LEU A 133 5.74 -27.07 12.52
C LEU A 133 7.16 -27.19 11.92
N LEU A 134 7.52 -26.20 11.10
CA LEU A 134 8.86 -26.02 10.55
C LEU A 134 9.42 -24.77 11.16
N ASN A 135 10.41 -24.97 12.03
CA ASN A 135 10.90 -23.93 12.88
C ASN A 135 12.27 -23.40 12.47
N ASN A 136 12.33 -22.08 12.36
CA ASN A 136 13.60 -21.32 12.31
C ASN A 136 14.44 -21.64 11.09
N PHE A 137 13.91 -21.42 9.92
CA PHE A 137 14.62 -21.76 8.73
C PHE A 137 14.89 -20.52 7.90
N TYR A 138 15.88 -20.67 7.01
CA TYR A 138 16.20 -19.69 6.01
C TYR A 138 16.83 -20.38 4.81
N PRO A 139 16.44 -20.00 3.59
CA PRO A 139 15.47 -18.96 3.26
C PRO A 139 13.98 -19.38 3.38
N ARG A 140 13.10 -18.45 3.01
CA ARG A 140 11.65 -18.62 3.15
C ARG A 140 11.04 -19.81 2.44
N GLU A 141 11.56 -20.19 1.28
CA GLU A 141 11.03 -21.28 0.46
C GLU A 141 11.07 -22.63 1.16
N ALA A 142 9.91 -23.13 1.54
CA ALA A 142 9.81 -24.50 2.09
C ALA A 142 8.63 -25.22 1.41
N LYS A 143 8.64 -26.54 1.33
CA LYS A 143 7.49 -27.29 0.86
C LYS A 143 7.07 -28.40 1.86
N VAL A 144 5.79 -28.39 2.23
CA VAL A 144 5.22 -29.36 3.18
C VAL A 144 4.14 -30.16 2.48
N GLN A 145 4.20 -31.48 2.59
CA GLN A 145 3.18 -32.37 2.05
C GLN A 145 2.65 -33.24 3.15
N TRP A 146 1.34 -33.39 3.20
CA TRP A 146 0.71 -34.32 4.11
C TRP A 146 0.36 -35.68 3.46
N LYS A 147 0.60 -36.75 4.20
CA LYS A 147 0.17 -38.09 3.79
C LYS A 147 -0.49 -38.83 4.92
N VAL A 148 -1.64 -39.41 4.64
CA VAL A 148 -2.42 -40.15 5.63
C VAL A 148 -2.46 -41.58 5.12
N ASP A 149 -2.02 -42.54 5.93
CA ASP A 149 -1.60 -43.88 5.45
C ASP A 149 -0.95 -43.85 4.06
N ASN A 150 -0.01 -42.95 3.86
CA ASN A 150 0.67 -42.75 2.59
C ASN A 150 -0.13 -42.19 1.41
N ALA A 151 -1.38 -41.78 1.62
CA ALA A 151 -2.14 -41.07 0.57
C ALA A 151 -1.88 -39.56 0.60
N LEU A 152 -1.32 -39.03 -0.47
CA LEU A 152 -1.03 -37.60 -0.57
C LEU A 152 -2.34 -36.79 -0.45
N GLN A 153 -2.42 -35.92 0.56
CA GLN A 153 -3.58 -35.08 0.84
C GLN A 153 -3.59 -33.80 0.01
N SER A 154 -4.78 -33.43 -0.45
CA SER A 154 -5.01 -32.21 -1.21
C SER A 154 -6.28 -31.58 -0.71
N GLY A 155 -6.24 -30.26 -0.58
CA GLY A 155 -7.39 -29.48 -0.20
C GLY A 155 -7.85 -29.53 1.24
N ASN A 156 -7.07 -30.10 2.16
CA ASN A 156 -7.55 -30.11 3.55
C ASN A 156 -6.53 -29.66 4.57
N SER A 157 -5.55 -28.89 4.13
CA SER A 157 -4.60 -28.29 5.03
C SER A 157 -4.40 -26.79 4.70
N GLN A 158 -3.92 -26.03 5.66
CA GLN A 158 -3.64 -24.62 5.42
C GLN A 158 -2.33 -24.28 6.09
N GLU A 159 -1.59 -23.34 5.53
CA GLU A 159 -0.29 -22.95 6.06
C GLU A 159 -0.32 -21.54 6.59
N SER A 160 0.56 -21.28 7.54
CA SER A 160 0.86 -19.92 7.95
C SER A 160 2.35 -19.72 8.17
N VAL A 161 2.87 -18.54 7.84
CA VAL A 161 4.30 -18.27 7.99
C VAL A 161 4.51 -16.99 8.79
N THR A 162 5.46 -17.00 9.71
CA THR A 162 5.80 -15.82 10.47
C THR A 162 6.53 -14.76 9.58
N GLU A 163 6.59 -13.54 10.08
CA GLU A 163 7.52 -12.55 9.56
C GLU A 163 8.97 -12.98 9.93
N GLN A 164 9.94 -12.54 9.13
CA GLN A 164 11.34 -12.79 9.47
C GLN A 164 11.67 -12.36 10.90
N ASP A 165 12.26 -13.24 11.68
CA ASP A 165 12.59 -12.92 13.06
C ASP A 165 13.70 -11.88 13.08
N SER A 166 13.55 -10.89 13.93
CA SER A 166 14.51 -9.80 14.05
C SER A 166 15.88 -10.23 14.62
N LYS A 167 15.92 -11.25 15.47
CA LYS A 167 17.16 -11.63 16.17
C LYS A 167 17.98 -12.69 15.45
N ASP A 168 17.32 -13.61 14.76
CA ASP A 168 18.05 -14.61 14.06
C ASP A 168 17.81 -14.65 12.55
N SER A 169 16.92 -13.79 12.05
CA SER A 169 16.67 -13.71 10.60
C SER A 169 16.03 -14.91 9.96
N THR A 170 15.31 -15.70 10.74
CA THR A 170 14.69 -16.92 10.22
C THR A 170 13.17 -16.72 10.10
N TYR A 171 12.54 -17.69 9.46
CA TYR A 171 11.10 -17.81 9.34
C TYR A 171 10.65 -19.13 9.99
N SER A 172 9.38 -19.21 10.39
CA SER A 172 8.80 -20.41 10.93
C SER A 172 7.47 -20.56 10.22
N LEU A 173 7.05 -21.80 10.02
CA LEU A 173 5.85 -22.09 9.28
C LEU A 173 5.02 -23.20 9.96
N SER A 174 3.68 -23.07 9.92
CA SER A 174 2.77 -24.15 10.39
C SER A 174 1.91 -24.64 9.25
N SER A 175 1.62 -25.93 9.24
CA SER A 175 0.65 -26.53 8.32
C SER A 175 -0.28 -27.30 9.23
N THR A 176 -1.58 -27.10 9.05
CA THR A 176 -2.61 -27.76 9.83
C THR A 176 -3.50 -28.51 8.84
N LEU A 177 -3.57 -29.82 9.02
CA LEU A 177 -4.39 -30.70 8.22
C LEU A 177 -5.60 -30.89 9.05
N THR A 178 -6.78 -30.72 8.48
CA THR A 178 -7.96 -30.86 9.30
C THR A 178 -8.87 -31.93 8.71
N LEU A 179 -9.32 -32.87 9.53
CA LEU A 179 -10.35 -33.81 9.09
C LEU A 179 -11.35 -34.06 10.22
N SER A 180 -12.44 -34.72 9.90
CA SER A 180 -13.42 -35.08 10.93
C SER A 180 -12.82 -36.16 11.79
N LYS A 181 -13.34 -36.30 13.01
CA LYS A 181 -12.98 -37.36 13.95
C LYS A 181 -13.20 -38.73 13.34
N ALA A 182 -14.38 -38.95 12.83
CA ALA A 182 -14.72 -40.25 12.27
C ALA A 182 -13.63 -40.67 11.29
N ASP A 183 -13.36 -39.78 10.35
CA ASP A 183 -12.47 -40.01 9.22
C ASP A 183 -10.98 -40.13 9.63
N TYR A 184 -10.61 -39.42 10.69
CA TYR A 184 -9.30 -39.55 11.32
C TYR A 184 -9.07 -40.94 11.95
N GLU A 185 -10.12 -41.47 12.58
CA GLU A 185 -10.05 -42.76 13.24
C GLU A 185 -9.96 -43.92 12.27
N LYS A 186 -10.31 -43.72 11.01
CA LYS A 186 -10.22 -44.84 10.07
C LYS A 186 -8.89 -44.88 9.33
N HIS A 187 -7.90 -44.13 9.82
CA HIS A 187 -6.52 -44.22 9.32
C HIS A 187 -5.53 -44.22 10.46
N LYS A 188 -4.33 -44.73 10.21
CA LYS A 188 -3.28 -44.91 11.24
C LYS A 188 -2.07 -43.99 11.12
N VAL A 189 -1.53 -43.84 9.93
CA VAL A 189 -0.25 -43.17 9.81
C VAL A 189 -0.41 -41.73 9.29
N TYR A 190 0.07 -40.78 10.07
CA TYR A 190 -0.04 -39.36 9.75
C TYR A 190 1.39 -38.79 9.59
N ALA A 191 1.72 -38.32 8.40
CA ALA A 191 3.07 -37.83 8.10
C ALA A 191 3.04 -36.49 7.40
N CYS A 192 3.87 -35.56 7.84
CA CYS A 192 4.21 -34.40 7.02
C CYS A 192 5.63 -34.55 6.56
N GLU A 193 5.83 -34.35 5.28
CA GLU A 193 7.17 -34.46 4.70
C GLU A 193 7.58 -33.08 4.24
N VAL A 194 8.82 -32.71 4.54
CA VAL A 194 9.25 -31.37 4.29
C VAL A 194 10.44 -31.33 3.34
N THR A 195 10.40 -30.43 2.38
CA THR A 195 11.53 -30.16 1.46
C THR A 195 12.02 -28.75 1.73
N HIS A 196 13.33 -28.60 1.88
CA HIS A 196 13.95 -27.29 2.10
C HIS A 196 15.41 -27.41 1.71
N GLN A 197 15.98 -26.37 1.10
CA GLN A 197 17.33 -26.46 0.58
C GLN A 197 18.44 -26.59 1.66
N GLY A 198 18.14 -26.27 2.90
CA GLY A 198 19.06 -26.55 3.99
C GLY A 198 19.09 -28.02 4.40
N LEU A 199 18.07 -28.79 4.01
CA LEU A 199 18.06 -30.21 4.33
C LEU A 199 18.79 -30.99 3.25
N SER A 200 19.41 -32.10 3.63
CA SER A 200 20.18 -32.89 2.70
C SER A 200 19.30 -33.88 1.94
N SER A 201 18.05 -34.01 2.34
CA SER A 201 17.05 -34.79 1.63
C SER A 201 15.71 -34.30 2.17
N PRO A 202 14.59 -34.76 1.57
CA PRO A 202 13.30 -34.50 2.24
C PRO A 202 13.21 -35.26 3.57
N VAL A 203 12.56 -34.67 4.55
CA VAL A 203 12.43 -35.29 5.86
C VAL A 203 10.98 -35.44 6.29
N THR A 204 10.68 -36.51 7.01
CA THR A 204 9.32 -36.80 7.39
C THR A 204 9.25 -36.79 8.89
N LYS A 205 8.18 -36.17 9.42
CA LYS A 205 7.80 -36.41 10.82
C LYS A 205 6.42 -37.01 10.80
N SER A 206 6.28 -38.12 11.52
CA SER A 206 5.07 -38.88 11.51
C SER A 206 4.77 -39.50 12.86
N PHE A 207 3.52 -39.90 13.02
CA PHE A 207 3.09 -40.66 14.19
C PHE A 207 2.04 -41.67 13.76
N ASN A 208 1.83 -42.68 14.59
CA ASN A 208 0.71 -43.61 14.41
C ASN A 208 -0.39 -43.30 15.40
N ARG A 209 -1.62 -43.14 14.90
CA ARG A 209 -2.76 -42.83 15.77
C ARG A 209 -2.90 -43.91 16.84
N GLU B 1 2.22 18.39 15.11
CA GLU B 1 2.24 17.58 13.91
C GLU B 1 0.80 17.21 13.49
N VAL B 2 0.58 17.19 12.20
CA VAL B 2 -0.69 16.81 11.64
C VAL B 2 -0.89 15.35 11.88
N GLN B 3 -2.11 14.97 12.26
CA GLN B 3 -2.43 13.60 12.54
C GLN B 3 -3.79 13.29 11.95
N LEU B 4 -3.90 12.13 11.30
CA LEU B 4 -5.15 11.71 10.75
C LEU B 4 -5.60 10.48 11.49
N LEU B 5 -6.86 10.46 11.92
CA LEU B 5 -7.37 9.33 12.68
C LEU B 5 -8.58 8.77 11.91
N GLU B 6 -8.45 7.56 11.31
CA GLU B 6 -9.59 6.80 10.70
C GLU B 6 -10.50 6.26 11.75
N SER B 7 -11.78 6.26 11.43
CA SER B 7 -12.80 5.70 12.27
C SER B 7 -13.78 5.02 11.36
N GLY B 8 -14.04 3.74 11.65
CA GLY B 8 -15.00 2.96 10.87
C GLY B 8 -15.20 1.63 11.50
N PRO B 9 -16.02 0.77 10.92
CA PRO B 9 -16.41 -0.41 11.65
C PRO B 9 -15.39 -1.46 11.23
N GLY B 10 -15.05 -2.42 12.04
CA GLY B 10 -14.06 -3.37 11.64
C GLY B 10 -14.68 -4.42 10.73
N LEU B 11 -15.96 -4.67 10.92
CA LEU B 11 -16.64 -5.83 10.41
C LEU B 11 -17.95 -5.42 9.79
N LEU B 12 -18.19 -5.92 8.58
CA LEU B 12 -19.38 -5.72 7.82
C LEU B 12 -19.81 -7.03 7.22
N LYS B 13 -21.10 -7.14 6.93
CA LYS B 13 -21.62 -8.28 6.21
C LYS B 13 -21.72 -7.88 4.73
N PRO B 14 -21.72 -8.89 3.85
CA PRO B 14 -21.89 -8.59 2.47
C PRO B 14 -23.16 -7.81 2.17
N SER B 15 -23.04 -6.89 1.24
CA SER B 15 -24.12 -6.02 0.78
C SER B 15 -24.31 -4.77 1.67
N GLU B 16 -23.71 -4.71 2.85
CA GLU B 16 -23.68 -3.46 3.62
C GLU B 16 -22.88 -2.38 2.93
N THR B 17 -22.99 -1.21 3.51
CA THR B 17 -22.31 -0.04 3.08
C THR B 17 -21.17 0.16 4.01
N LEU B 18 -19.98 0.28 3.47
CA LEU B 18 -18.84 0.67 4.27
C LEU B 18 -18.86 2.18 4.42
N SER B 19 -18.68 2.66 5.64
CA SER B 19 -18.43 4.05 5.78
C SER B 19 -17.41 4.37 6.85
N LEU B 20 -16.47 5.20 6.42
CA LEU B 20 -15.33 5.56 7.20
C LEU B 20 -15.19 7.07 7.24
N THR B 21 -14.63 7.54 8.36
CA THR B 21 -14.36 8.97 8.61
C THR B 21 -12.95 9.18 9.04
N CYS B 22 -12.34 10.21 8.53
CA CYS B 22 -11.04 10.63 8.97
C CYS B 22 -11.21 11.99 9.63
N THR B 23 -10.63 12.13 10.85
CA THR B 23 -10.52 13.41 11.52
C THR B 23 -9.09 13.95 11.39
N VAL B 24 -8.97 15.14 10.87
CA VAL B 24 -7.66 15.78 10.68
C VAL B 24 -7.38 16.64 11.88
N SER B 25 -6.31 16.36 12.65
CA SER B 25 -5.98 17.20 13.78
C SER B 25 -4.67 17.89 13.52
N GLY B 26 -4.57 19.12 14.03
CA GLY B 26 -3.29 19.80 14.10
C GLY B 26 -2.91 20.39 12.78
N GLY B 27 -3.83 20.36 11.84
CA GLY B 27 -3.65 21.04 10.57
C GLY B 27 -5.00 21.39 9.91
N SER B 28 -4.96 22.15 8.82
CA SER B 28 -6.16 22.54 8.10
C SER B 28 -6.25 21.76 6.80
N MET B 29 -7.45 21.76 6.26
CA MET B 29 -7.78 21.01 5.04
C MET B 29 -7.53 21.80 3.75
N ILE B 30 -7.45 23.13 3.86
CA ILE B 30 -7.15 23.96 2.70
C ILE B 30 -5.70 23.79 2.21
N ASN B 31 -5.55 23.85 0.88
CA ASN B 31 -4.30 23.64 0.16
C ASN B 31 -3.74 22.20 0.13
N TYR B 32 -4.55 21.22 0.52
CA TYR B 32 -4.20 19.81 0.33
C TYR B 32 -5.38 19.13 -0.28
N TYR B 33 -5.11 17.98 -0.87
CA TYR B 33 -6.15 17.05 -1.26
C TYR B 33 -6.23 15.97 -0.16
N TRP B 34 -7.37 15.28 -0.12
CA TRP B 34 -7.63 14.31 0.91
C TRP B 34 -8.08 13.00 0.25
N SER B 35 -7.29 11.95 0.47
CA SER B 35 -7.45 10.69 -0.24
C SER B 35 -7.80 9.53 0.67
N TRP B 36 -8.47 8.54 0.08
CA TRP B 36 -8.60 7.20 0.68
C TRP B 36 -7.83 6.19 -0.12
N ILE B 37 -7.14 5.29 0.59
CA ILE B 37 -6.24 4.30 0.02
C ILE B 37 -6.66 3.00 0.71
N ARG B 38 -6.65 1.88 0.01
CA ARG B 38 -6.77 0.59 0.70
C ARG B 38 -5.67 -0.41 0.28
N GLN B 39 -5.37 -1.34 1.19
CA GLN B 39 -4.34 -2.32 0.97
C GLN B 39 -4.94 -3.70 1.29
N PRO B 40 -5.44 -4.38 0.26
CA PRO B 40 -5.90 -5.77 0.36
C PRO B 40 -4.78 -6.72 0.83
N PRO B 41 -5.12 -7.79 1.52
CA PRO B 41 -4.06 -8.63 2.07
C PRO B 41 -3.10 -9.11 0.96
N GLY B 42 -1.81 -8.94 1.19
CA GLY B 42 -0.77 -9.40 0.27
C GLY B 42 -0.47 -8.43 -0.86
N GLU B 43 -1.17 -7.30 -0.95
CA GLU B 43 -1.05 -6.38 -2.08
C GLU B 43 -0.44 -5.05 -1.74
N ARG B 44 -0.08 -4.33 -2.78
CA ARG B 44 0.32 -2.98 -2.65
C ARG B 44 -0.84 -2.05 -2.27
N PRO B 45 -0.53 -0.84 -1.79
CA PRO B 45 -1.58 0.12 -1.54
C PRO B 45 -2.23 0.57 -2.85
N GLN B 46 -3.55 0.78 -2.83
CA GLN B 46 -4.31 1.12 -3.97
C GLN B 46 -5.16 2.34 -3.65
N TRP B 47 -5.07 3.32 -4.53
CA TRP B 47 -5.77 4.58 -4.35
C TRP B 47 -7.22 4.45 -4.74
N LEU B 48 -8.10 4.84 -3.85
CA LEU B 48 -9.53 4.79 -4.10
C LEU B 48 -10.14 6.07 -4.66
N GLY B 49 -9.61 7.21 -4.22
CA GLY B 49 -10.15 8.45 -4.60
C GLY B 49 -9.58 9.61 -3.77
N HIS B 50 -9.84 10.83 -4.22
CA HIS B 50 -9.54 12.02 -3.45
C HIS B 50 -10.63 13.03 -3.56
N ILE B 51 -10.54 14.00 -2.66
CA ILE B 51 -11.42 15.16 -2.66
C ILE B 51 -10.55 16.44 -2.41
N ILE B 52 -10.93 17.53 -3.09
CA ILE B 52 -10.28 18.78 -2.91
C ILE B 52 -11.08 19.67 -1.96
N TYR B 53 -10.45 20.75 -1.56
CA TYR B 53 -11.10 21.67 -0.56
C TYR B 53 -12.45 22.15 -1.06
N GLY B 54 -12.50 22.50 -2.33
CA GLY B 54 -13.74 22.91 -2.99
C GLY B 54 -14.85 21.89 -3.14
N GLY B 55 -14.57 20.62 -2.89
CA GLY B 55 -15.59 19.62 -2.93
C GLY B 55 -15.58 18.71 -4.17
N THR B 56 -14.79 19.04 -5.19
CA THR B 56 -14.66 18.16 -6.35
C THR B 56 -13.90 16.88 -5.96
N THR B 57 -14.36 15.77 -6.50
CA THR B 57 -13.76 14.50 -6.23
C THR B 57 -13.20 13.87 -7.50
N LYS B 58 -12.33 12.89 -7.30
CA LYS B 58 -11.93 11.96 -8.35
C LYS B 58 -11.81 10.56 -7.72
N TYR B 59 -12.33 9.57 -8.44
CA TYR B 59 -12.43 8.19 -7.98
C TYR B 59 -11.65 7.19 -8.86
N ASN B 60 -11.22 6.08 -8.27
CA ASN B 60 -10.62 4.97 -8.98
C ASN B 60 -11.78 4.34 -9.79
N PRO B 61 -11.66 4.33 -11.14
CA PRO B 61 -12.75 3.88 -11.98
C PRO B 61 -13.25 2.49 -11.64
N SER B 62 -12.41 1.64 -11.08
CA SER B 62 -12.89 0.29 -10.75
C SER B 62 -13.90 0.28 -9.55
N LEU B 63 -14.06 1.38 -8.80
CA LEU B 63 -15.04 1.50 -7.66
C LEU B 63 -16.13 2.51 -7.93
N GLU B 64 -15.93 3.24 -9.02
CA GLU B 64 -16.78 4.31 -9.52
C GLU B 64 -18.28 4.20 -9.29
N SER B 65 -18.85 3.06 -9.53
CA SER B 65 -20.26 2.94 -9.38
C SER B 65 -20.68 2.68 -7.92
N ARG B 66 -19.71 2.59 -6.99
CA ARG B 66 -20.04 2.27 -5.59
C ARG B 66 -19.51 3.27 -4.56
N ILE B 67 -18.59 4.11 -4.96
CA ILE B 67 -17.82 4.90 -4.02
C ILE B 67 -18.35 6.35 -3.98
N THR B 68 -18.36 6.93 -2.78
CA THR B 68 -18.56 8.35 -2.63
C THR B 68 -17.50 8.81 -1.60
N ILE B 69 -16.90 9.97 -1.88
CA ILE B 69 -16.06 10.66 -0.92
C ILE B 69 -16.68 12.04 -0.67
N SER B 70 -16.78 12.41 0.61
CA SER B 70 -17.19 13.74 0.97
C SER B 70 -16.30 14.35 2.07
N ARG B 71 -16.51 15.62 2.35
CA ARG B 71 -15.77 16.28 3.39
C ARG B 71 -16.64 17.30 4.10
N ASP B 72 -16.29 17.51 5.36
CA ASP B 72 -16.94 18.48 6.23
C ASP B 72 -15.86 19.36 6.86
N ILE B 73 -15.63 20.48 6.20
CA ILE B 73 -14.56 21.40 6.53
C ILE B 73 -14.78 21.97 7.93
N SER B 74 -15.99 22.34 8.32
CA SER B 74 -16.21 22.88 9.69
C SER B 74 -15.89 21.84 10.76
N LYS B 75 -15.89 20.55 10.43
CA LYS B 75 -15.49 19.56 11.39
C LYS B 75 -14.07 19.05 11.19
N ASN B 76 -13.36 19.50 10.17
CA ASN B 76 -12.06 18.92 9.87
C ASN B 76 -12.10 17.38 9.67
N GLN B 77 -13.16 16.93 8.99
CA GLN B 77 -13.34 15.55 8.60
C GLN B 77 -13.55 15.34 7.10
N PHE B 78 -13.18 14.17 6.68
CA PHE B 78 -13.61 13.64 5.38
C PHE B 78 -13.91 12.17 5.47
N SER B 79 -14.73 11.71 4.54
CA SER B 79 -15.44 10.47 4.64
C SER B 79 -15.43 9.66 3.33
N LEU B 80 -15.55 8.35 3.51
CA LEU B 80 -15.65 7.37 2.45
C LEU B 80 -16.91 6.56 2.67
N ARG B 81 -17.63 6.34 1.59
CA ARG B 81 -18.76 5.44 1.53
C ARG B 81 -18.52 4.51 0.34
N LEU B 82 -18.63 3.20 0.57
CA LEU B 82 -18.55 2.21 -0.49
C LEU B 82 -19.74 1.26 -0.35
N ASN B 83 -20.64 1.32 -1.32
CA ASN B 83 -21.82 0.45 -1.35
C ASN B 83 -21.56 -0.99 -1.72
N SER B 84 -22.46 -1.85 -1.26
CA SER B 84 -22.57 -3.22 -1.74
C SER B 84 -21.26 -3.97 -1.59
N VAL B 85 -20.73 -3.99 -0.36
CA VAL B 85 -19.42 -4.59 -0.16
C VAL B 85 -19.53 -6.08 -0.30
N THR B 86 -18.43 -6.66 -0.79
CA THR B 86 -18.22 -8.11 -0.74
C THR B 86 -16.84 -8.39 -0.13
N ALA B 87 -16.49 -9.68 -0.14
CA ALA B 87 -15.25 -10.19 0.50
C ALA B 87 -14.05 -9.59 -0.21
N ALA B 88 -14.28 -9.21 -1.46
CA ALA B 88 -13.30 -8.52 -2.26
C ALA B 88 -12.95 -7.16 -1.70
N ASP B 89 -13.78 -6.57 -0.83
CA ASP B 89 -13.45 -5.26 -0.28
C ASP B 89 -12.69 -5.31 1.05
N THR B 90 -12.36 -6.52 1.50
CA THR B 90 -11.58 -6.75 2.73
C THR B 90 -10.17 -6.19 2.54
N ALA B 91 -9.77 -5.31 3.46
CA ALA B 91 -8.51 -4.63 3.36
C ALA B 91 -8.31 -3.74 4.56
N ILE B 92 -7.09 -3.20 4.65
CA ILE B 92 -6.80 -2.09 5.54
C ILE B 92 -7.02 -0.84 4.76
N TYR B 93 -7.85 0.04 5.29
CA TYR B 93 -8.17 1.31 4.67
C TYR B 93 -7.45 2.45 5.41
N TYR B 94 -6.91 3.37 4.63
CA TYR B 94 -6.11 4.46 5.13
C TYR B 94 -6.65 5.73 4.56
N CYS B 95 -6.72 6.76 5.39
CA CYS B 95 -6.84 8.11 4.89
C CYS B 95 -5.46 8.70 4.72
N ALA B 96 -5.30 9.61 3.78
CA ALA B 96 -4.02 10.24 3.61
C ALA B 96 -4.19 11.65 3.11
N ARG B 97 -3.37 12.53 3.68
CA ARG B 97 -3.27 13.85 3.18
C ARG B 97 -2.40 13.85 1.93
N VAL B 98 -2.82 14.61 0.92
CA VAL B 98 -2.03 14.73 -0.31
C VAL B 98 -1.49 16.17 -0.52
N ALA B 99 -0.16 16.28 -0.55
CA ALA B 99 0.50 17.48 -1.00
C ALA B 99 0.54 17.50 -2.54
N ILE B 100 0.03 18.60 -3.11
CA ILE B 100 -0.02 18.81 -4.57
C ILE B 100 0.45 20.21 -4.94
N GLY B 101 1.00 20.34 -6.14
CA GLY B 101 1.32 21.66 -6.63
C GLY B 101 1.92 21.56 -7.98
N VAL B 102 2.20 22.73 -8.54
CA VAL B 102 2.73 22.77 -9.90
C VAL B 102 4.23 22.40 -9.85
N SER B 103 4.73 21.79 -10.92
CA SER B 103 6.13 21.37 -10.99
C SER B 103 6.41 21.00 -12.43
N GLY B 104 7.66 20.63 -12.69
CA GLY B 104 8.13 20.35 -14.05
C GLY B 104 7.66 21.39 -15.10
N PHE B 105 7.43 20.87 -16.30
CA PHE B 105 7.02 21.65 -17.45
C PHE B 105 5.48 21.62 -17.45
N LEU B 106 4.86 22.62 -16.83
CA LEU B 106 3.41 22.76 -16.68
C LEU B 106 2.78 21.48 -16.14
N ASN B 107 3.38 20.93 -15.09
CA ASN B 107 2.91 19.65 -14.60
C ASN B 107 2.66 19.77 -13.10
N TYR B 108 2.62 18.65 -12.40
CA TYR B 108 2.31 18.66 -11.00
C TYR B 108 3.03 17.56 -10.22
N TYR B 109 3.03 17.74 -8.91
CA TYR B 109 3.46 16.74 -7.95
C TYR B 109 2.27 16.37 -7.09
N TYR B 110 2.35 15.18 -6.49
CA TYR B 110 1.26 14.53 -5.77
C TYR B 110 1.91 13.48 -4.85
N TYR B 111 1.93 13.79 -3.54
CA TYR B 111 2.58 12.94 -2.53
C TYR B 111 1.64 12.74 -1.37
N MET B 112 1.41 11.50 -1.00
CA MET B 112 0.60 11.17 0.21
C MET B 112 1.54 11.30 1.39
N ASP B 113 1.56 12.51 1.97
CA ASP B 113 2.62 12.86 2.90
C ASP B 113 2.26 12.59 4.37
N VAL B 114 0.99 12.42 4.70
CA VAL B 114 0.63 12.09 6.08
C VAL B 114 -0.49 11.06 6.01
N TRP B 115 -0.27 9.93 6.66
CA TRP B 115 -1.21 8.80 6.65
C TRP B 115 -1.83 8.54 8.01
N GLY B 116 -3.08 8.10 8.01
CA GLY B 116 -3.72 7.55 9.21
C GLY B 116 -3.03 6.25 9.54
N SER B 117 -3.32 5.65 10.70
CA SER B 117 -2.74 4.37 11.07
C SER B 117 -3.46 3.18 10.46
N GLY B 118 -4.63 3.42 9.85
CA GLY B 118 -5.27 2.39 9.07
C GLY B 118 -6.37 1.74 9.91
N THR B 119 -7.47 1.34 9.25
CA THR B 119 -8.52 0.57 9.90
C THR B 119 -8.81 -0.70 9.10
N ALA B 120 -8.79 -1.85 9.75
CA ALA B 120 -8.96 -3.11 9.04
C ALA B 120 -10.47 -3.32 8.82
N VAL B 121 -10.86 -3.60 7.58
CA VAL B 121 -12.25 -3.85 7.28
C VAL B 121 -12.37 -5.30 6.76
N THR B 122 -13.13 -6.09 7.46
CA THR B 122 -13.43 -7.43 7.03
C THR B 122 -14.88 -7.53 6.63
N VAL B 123 -15.14 -8.14 5.48
CA VAL B 123 -16.48 -8.41 5.03
C VAL B 123 -16.72 -9.90 5.10
N SER B 124 -17.70 -10.31 5.91
CA SER B 124 -17.92 -11.69 6.17
C SER B 124 -19.33 -11.92 6.68
N SER B 125 -19.89 -13.05 6.26
CA SER B 125 -21.22 -13.39 6.70
C SER B 125 -21.21 -14.12 8.05
N ALA B 126 -20.04 -14.24 8.72
CA ALA B 126 -19.91 -15.05 9.92
C ALA B 126 -20.32 -14.36 11.24
N SER B 127 -20.59 -15.16 12.25
CA SER B 127 -20.99 -14.71 13.58
C SER B 127 -19.94 -14.95 14.70
N THR B 128 -20.13 -14.20 15.77
CA THR B 128 -19.18 -14.14 16.87
C THR B 128 -19.08 -15.46 17.56
N LYS B 129 -17.85 -15.99 17.57
CA LYS B 129 -17.56 -17.27 18.19
C LYS B 129 -16.22 -17.17 18.95
N GLY B 130 -16.25 -17.59 20.21
CA GLY B 130 -15.02 -17.68 21.02
C GLY B 130 -14.23 -18.90 20.56
N PRO B 131 -12.90 -18.86 20.72
CA PRO B 131 -12.07 -19.96 20.27
C PRO B 131 -12.11 -21.16 21.19
N SER B 132 -11.91 -22.33 20.61
CA SER B 132 -11.52 -23.47 21.37
C SER B 132 -10.02 -23.30 21.54
N VAL B 133 -9.49 -23.76 22.67
CA VAL B 133 -8.04 -23.74 22.88
C VAL B 133 -7.58 -25.14 23.19
N PHE B 134 -6.73 -25.72 22.34
CA PHE B 134 -6.27 -27.09 22.51
C PHE B 134 -4.75 -27.17 22.64
N PRO B 135 -4.23 -28.12 23.43
CA PRO B 135 -2.79 -28.19 23.55
C PRO B 135 -2.11 -28.87 22.35
N LEU B 136 -0.90 -28.39 22.04
CA LEU B 136 0.03 -29.11 21.16
C LEU B 136 1.16 -29.54 22.11
N ALA B 137 1.11 -30.81 22.46
CA ALA B 137 1.85 -31.38 23.59
C ALA B 137 3.34 -31.58 23.31
N THR B 143 12.98 -31.91 13.56
CA THR B 143 14.33 -32.36 13.58
C THR B 143 15.16 -31.41 14.52
N SER B 144 16.00 -30.56 13.89
CA SER B 144 17.21 -29.88 14.47
C SER B 144 17.14 -29.44 15.98
N GLY B 145 18.26 -29.61 16.71
CA GLY B 145 18.42 -29.10 18.09
C GLY B 145 18.75 -30.15 19.15
N GLY B 146 17.80 -31.04 19.45
CA GLY B 146 17.81 -31.89 20.68
C GLY B 146 16.55 -31.51 21.44
N THR B 147 16.30 -30.19 21.37
CA THR B 147 15.01 -29.51 21.30
C THR B 147 13.66 -30.23 21.12
N ALA B 148 12.67 -29.77 21.90
CA ALA B 148 11.26 -30.11 21.75
C ALA B 148 10.44 -28.82 21.56
N ALA B 149 9.23 -28.96 21.04
CA ALA B 149 8.33 -27.83 20.86
C ALA B 149 6.96 -28.13 21.44
N LEU B 150 6.30 -27.09 21.90
CA LEU B 150 4.97 -27.22 22.48
C LEU B 150 4.16 -26.00 22.07
N GLY B 151 2.86 -26.03 22.34
CA GLY B 151 1.99 -24.99 21.83
C GLY B 151 0.53 -25.10 22.16
N CYS B 152 -0.20 -24.09 21.66
CA CYS B 152 -1.65 -24.04 21.76
C CYS B 152 -2.26 -23.83 20.38
N LEU B 153 -3.26 -24.61 20.07
CA LEU B 153 -4.03 -24.40 18.86
C LEU B 153 -5.32 -23.63 19.26
N VAL B 154 -5.39 -22.40 18.77
CA VAL B 154 -6.50 -21.50 19.05
C VAL B 154 -7.46 -21.59 17.86
N LYS B 155 -8.50 -22.41 17.98
CA LYS B 155 -9.31 -22.76 16.82
C LYS B 155 -10.80 -22.22 16.84
N ASP B 156 -11.28 -21.86 15.65
CA ASP B 156 -12.69 -21.59 15.31
C ASP B 156 -13.26 -20.38 16.03
N TYR B 157 -12.67 -19.21 15.78
CA TYR B 157 -13.10 -17.98 16.37
C TYR B 157 -13.45 -17.00 15.25
N PHE B 158 -14.27 -16.03 15.62
CA PHE B 158 -14.65 -14.91 14.76
C PHE B 158 -15.20 -13.84 15.67
N PRO B 159 -14.81 -12.58 15.47
CA PRO B 159 -13.86 -12.13 14.46
C PRO B 159 -12.44 -12.10 15.03
N GLU B 160 -11.48 -11.65 14.22
CA GLU B 160 -10.15 -11.26 14.70
C GLU B 160 -10.28 -10.11 15.69
N PRO B 161 -9.27 -9.86 16.52
CA PRO B 161 -8.09 -10.66 16.72
C PRO B 161 -8.20 -11.45 18.00
N VAL B 162 -7.22 -12.32 18.18
CA VAL B 162 -6.95 -12.91 19.49
C VAL B 162 -5.51 -12.52 19.89
N THR B 163 -5.27 -12.52 21.20
CA THR B 163 -3.93 -12.32 21.70
C THR B 163 -3.58 -13.53 22.49
N VAL B 164 -2.31 -13.87 22.38
CA VAL B 164 -1.74 -14.99 23.05
C VAL B 164 -0.48 -14.51 23.75
N SER B 165 -0.24 -15.07 24.94
CA SER B 165 1.01 -14.91 25.63
C SER B 165 1.25 -16.24 26.30
N TRP B 166 2.42 -16.39 26.90
CA TRP B 166 2.80 -17.62 27.56
C TRP B 166 3.25 -17.33 28.97
N ASN B 167 2.81 -18.15 29.92
CA ASN B 167 3.09 -17.93 31.35
C ASN B 167 2.84 -16.50 31.74
N SER B 168 1.63 -16.02 31.46
CA SER B 168 1.21 -14.64 31.69
C SER B 168 2.16 -13.56 31.16
N GLY B 169 2.89 -13.88 30.11
CA GLY B 169 3.79 -12.94 29.48
C GLY B 169 5.18 -13.01 30.07
N ALA B 170 5.40 -13.99 30.94
CA ALA B 170 6.74 -14.21 31.47
C ALA B 170 7.60 -14.77 30.36
N LEU B 171 7.06 -15.74 29.63
CA LEU B 171 7.84 -16.52 28.67
C LEU B 171 7.66 -15.96 27.28
N THR B 172 8.72 -15.41 26.70
CA THR B 172 8.66 -14.80 25.36
C THR B 172 9.66 -15.36 24.34
N SER B 173 10.70 -16.04 24.80
CA SER B 173 11.82 -16.47 23.98
C SER B 173 11.51 -17.79 23.27
N GLY B 174 11.81 -17.87 21.99
CA GLY B 174 11.42 -19.04 21.19
C GLY B 174 9.93 -19.09 20.90
N VAL B 175 9.19 -18.03 21.21
CA VAL B 175 7.74 -18.02 20.96
C VAL B 175 7.47 -17.58 19.53
N HIS B 176 6.75 -18.41 18.79
CA HIS B 176 6.20 -18.02 17.51
C HIS B 176 4.69 -18.07 17.56
N THR B 177 4.05 -16.92 17.42
CA THR B 177 2.64 -16.87 17.20
C THR B 177 2.36 -16.58 15.73
N PHE B 178 1.74 -17.55 15.09
CA PHE B 178 1.44 -17.49 13.69
C PHE B 178 0.25 -16.58 13.37
N PRO B 179 0.28 -15.93 12.18
CA PRO B 179 -0.88 -15.21 11.72
C PRO B 179 -2.00 -16.18 11.57
N ALA B 180 -3.20 -15.73 11.92
CA ALA B 180 -4.43 -16.54 11.78
C ALA B 180 -4.69 -16.90 10.33
N VAL B 181 -5.33 -18.03 10.07
CA VAL B 181 -5.74 -18.39 8.74
C VAL B 181 -7.24 -18.41 8.78
N LEU B 182 -7.84 -18.08 7.66
CA LEU B 182 -9.29 -18.08 7.58
C LEU B 182 -9.70 -19.46 7.04
N GLN B 183 -10.50 -20.21 7.79
CA GLN B 183 -10.90 -21.54 7.32
C GLN B 183 -12.08 -21.42 6.39
N SER B 184 -12.33 -22.51 5.66
CA SER B 184 -13.47 -22.56 4.72
C SER B 184 -14.82 -22.41 5.39
N SER B 185 -14.87 -22.62 6.70
CA SER B 185 -16.08 -22.36 7.48
C SER B 185 -16.35 -20.86 7.72
N GLY B 186 -15.40 -19.99 7.37
CA GLY B 186 -15.52 -18.54 7.68
C GLY B 186 -14.97 -18.17 9.05
N LEU B 187 -14.49 -19.17 9.79
CA LEU B 187 -13.86 -18.96 11.10
C LEU B 187 -12.30 -18.99 11.05
N TYR B 188 -11.70 -18.17 11.91
CA TYR B 188 -10.26 -18.11 12.07
C TYR B 188 -9.65 -19.22 12.93
N SER B 189 -8.42 -19.53 12.59
CA SER B 189 -7.60 -20.37 13.40
C SER B 189 -6.15 -19.87 13.41
N LEU B 190 -5.52 -20.02 14.58
CA LEU B 190 -4.12 -19.64 14.80
C LEU B 190 -3.45 -20.73 15.68
N SER B 191 -2.14 -20.85 15.61
CA SER B 191 -1.45 -21.57 16.67
C SER B 191 -0.31 -20.75 17.18
N SER B 192 -0.02 -20.90 18.46
CA SER B 192 1.20 -20.36 19.07
C SER B 192 2.03 -21.52 19.57
N VAL B 193 3.34 -21.41 19.36
CA VAL B 193 4.28 -22.48 19.75
C VAL B 193 5.49 -21.90 20.43
N VAL B 194 6.16 -22.77 21.15
CA VAL B 194 7.48 -22.45 21.69
C VAL B 194 8.35 -23.69 21.69
N THR B 195 9.61 -23.51 21.31
CA THR B 195 10.62 -24.56 21.37
C THR B 195 11.46 -24.45 22.63
N THR B 205 6.77 -25.83 33.53
CA THR B 205 5.38 -25.38 33.42
C THR B 205 5.08 -24.49 32.23
N TYR B 206 4.12 -24.86 31.40
CA TYR B 206 3.76 -24.03 30.25
C TYR B 206 2.27 -23.75 30.17
N ILE B 207 1.91 -22.47 30.29
CA ILE B 207 0.54 -22.04 30.13
C ILE B 207 0.43 -20.99 29.04
N CYS B 208 -0.42 -21.22 28.05
CA CYS B 208 -0.70 -20.18 27.08
C CYS B 208 -2.01 -19.46 27.43
N ASN B 209 -1.98 -18.13 27.31
CA ASN B 209 -3.09 -17.27 27.72
C ASN B 209 -3.71 -16.64 26.50
N VAL B 210 -4.91 -17.15 26.17
CA VAL B 210 -5.64 -16.75 24.97
C VAL B 210 -6.81 -15.82 25.35
N ASN B 211 -6.80 -14.64 24.76
CA ASN B 211 -7.83 -13.67 24.98
C ASN B 211 -8.56 -13.30 23.70
N HIS B 212 -9.89 -13.43 23.73
CA HIS B 212 -10.80 -13.03 22.65
C HIS B 212 -11.88 -12.08 23.19
N LYS B 213 -11.53 -10.79 23.20
CA LYS B 213 -12.40 -9.75 23.75
C LYS B 213 -13.83 -9.88 23.19
N PRO B 214 -13.98 -9.88 21.84
CA PRO B 214 -15.30 -9.96 21.21
C PRO B 214 -16.31 -10.93 21.82
N SER B 215 -15.85 -12.11 22.22
CA SER B 215 -16.70 -13.09 22.89
C SER B 215 -16.47 -13.09 24.40
N ASN B 216 -15.50 -12.29 24.86
CA ASN B 216 -15.04 -12.29 26.25
C ASN B 216 -14.53 -13.65 26.69
N THR B 217 -13.80 -14.33 25.81
CA THR B 217 -13.12 -15.55 26.19
C THR B 217 -11.78 -15.14 26.80
N LYS B 218 -11.56 -15.56 28.03
CA LYS B 218 -10.22 -15.68 28.58
C LYS B 218 -10.05 -17.16 28.82
N VAL B 219 -8.94 -17.69 28.36
CA VAL B 219 -8.61 -19.08 28.65
C VAL B 219 -7.15 -19.17 28.97
N ASP B 220 -6.83 -19.95 30.00
CA ASP B 220 -5.45 -20.31 30.28
C ASP B 220 -5.31 -21.81 30.21
N LYS B 221 -4.45 -22.26 29.28
CA LYS B 221 -4.34 -23.67 29.01
C LYS B 221 -2.95 -24.19 29.34
N LYS B 222 -2.91 -25.20 30.20
CA LYS B 222 -1.69 -25.86 30.60
C LYS B 222 -1.30 -26.83 29.50
N VAL B 223 -0.08 -26.70 28.98
CA VAL B 223 0.41 -27.62 27.97
C VAL B 223 1.35 -28.63 28.64
N GLU B 224 0.96 -29.91 28.61
CA GLU B 224 1.70 -30.98 29.31
C GLU B 224 2.20 -32.02 28.30
N PRO B 225 3.32 -32.70 28.62
CA PRO B 225 3.81 -33.83 27.80
C PRO B 225 2.83 -34.98 27.68
N CYS C 12 11.44 37.71 -29.82
CA CYS C 12 10.59 38.59 -28.97
C CYS C 12 10.92 38.45 -27.50
N ARG C 13 10.45 39.43 -26.72
CA ARG C 13 10.77 39.45 -25.29
C ARG C 13 9.98 40.48 -24.45
N LEU C 14 9.72 40.12 -23.18
CA LEU C 14 9.11 41.02 -22.20
C LEU C 14 10.05 41.14 -21.00
N ASP C 15 9.73 41.99 -20.04
CA ASP C 15 10.58 42.08 -18.86
C ASP C 15 10.03 41.84 -17.46
N LYS C 16 10.84 41.10 -16.70
CA LYS C 16 10.62 40.73 -15.31
C LYS C 16 9.64 41.67 -14.64
N SER C 17 9.97 42.96 -14.67
CA SER C 17 9.04 44.05 -14.41
C SER C 17 7.58 43.62 -14.52
N ASN C 18 7.19 43.29 -15.74
CA ASN C 18 5.81 42.96 -16.08
C ASN C 18 5.35 41.70 -15.35
N MET C 30 -3.99 37.54 -6.99
CA MET C 30 -5.07 37.93 -6.06
C MET C 30 -5.88 36.70 -5.60
N LEU C 31 -6.16 35.80 -6.54
CA LEU C 31 -6.51 34.43 -6.18
C LEU C 31 -5.19 33.76 -5.75
N ALA C 32 -4.11 34.14 -6.45
CA ALA C 32 -2.79 33.59 -6.24
C ALA C 32 -2.84 32.22 -6.90
N LYS C 33 -2.03 31.27 -6.41
CA LYS C 33 -2.06 29.91 -6.88
C LYS C 33 -2.76 29.02 -5.86
N GLU C 34 -3.70 29.58 -5.09
CA GLU C 34 -4.63 28.75 -4.32
C GLU C 34 -5.71 28.13 -5.23
N ALA C 35 -5.50 28.26 -6.55
CA ALA C 35 -6.42 27.79 -7.56
C ALA C 35 -6.73 26.29 -7.42
N TRP C 36 -5.77 25.53 -6.94
CA TRP C 36 -5.90 24.07 -6.94
C TRP C 36 -6.83 23.54 -5.83
N ASN C 37 -7.27 24.44 -4.95
CA ASN C 37 -8.36 24.15 -4.04
C ASN C 37 -9.72 24.01 -4.74
N TRP C 38 -9.81 24.59 -5.91
CA TRP C 38 -11.05 24.76 -6.62
C TRP C 38 -11.11 23.98 -7.92
N ASP C 39 -9.96 23.64 -8.47
CA ASP C 39 -9.88 22.85 -9.69
C ASP C 39 -8.86 21.77 -9.46
N ASP C 40 -9.24 20.57 -9.84
CA ASP C 40 -8.39 19.40 -9.62
C ASP C 40 -7.13 19.54 -10.46
N ILE C 41 -6.00 19.74 -9.82
CA ILE C 41 -4.72 19.84 -10.52
C ILE C 41 -4.36 18.56 -11.33
N THR C 42 -4.97 17.43 -11.00
CA THR C 42 -4.70 16.20 -11.72
C THR C 42 -5.47 16.10 -13.04
N ASP C 43 -6.40 17.01 -13.29
CA ASP C 43 -7.10 17.07 -14.58
C ASP C 43 -6.27 17.62 -15.74
N VAL C 44 -6.75 17.34 -16.95
CA VAL C 44 -6.22 17.95 -18.16
C VAL C 44 -6.37 19.47 -18.15
N ARG C 45 -5.32 20.18 -18.54
CA ARG C 45 -5.41 21.62 -18.81
C ARG C 45 -5.31 21.96 -20.29
N LEU C 46 -5.87 23.11 -20.65
CA LEU C 46 -5.75 23.63 -22.02
C LEU C 46 -4.31 24.02 -22.32
N ILE C 47 -3.62 24.56 -21.33
CA ILE C 47 -2.25 25.02 -21.45
C ILE C 47 -1.34 24.00 -20.79
N GLY C 48 -0.53 23.34 -21.58
CA GLY C 48 0.23 22.21 -21.11
C GLY C 48 1.42 21.94 -22.01
N GLU C 49 2.25 21.00 -21.59
CA GLU C 49 3.42 20.64 -22.34
C GLU C 49 3.20 20.51 -23.86
N LYS C 50 2.09 19.91 -24.29
CA LYS C 50 1.90 19.54 -25.68
C LYS C 50 1.77 20.76 -26.64
N LEU C 51 1.27 21.85 -26.09
CA LEU C 51 1.21 23.13 -26.76
C LEU C 51 2.56 23.57 -27.31
N PHE C 52 3.64 23.12 -26.67
CA PHE C 52 5.01 23.48 -27.03
C PHE C 52 5.78 22.45 -27.87
N HIS C 53 5.15 21.32 -28.17
CA HIS C 53 5.83 20.29 -28.92
C HIS C 53 6.39 20.77 -30.27
N GLY C 54 7.68 20.48 -30.49
CA GLY C 54 8.37 20.85 -31.72
C GLY C 54 8.82 22.29 -31.84
N VAL C 55 8.52 23.10 -30.83
CA VAL C 55 8.71 24.53 -30.88
C VAL C 55 9.94 24.95 -30.09
N SER C 56 10.88 25.61 -30.76
CA SER C 56 12.14 25.88 -30.13
C SER C 56 12.00 26.97 -29.07
N MET C 57 12.95 26.94 -28.16
CA MET C 57 13.06 27.85 -27.04
C MET C 57 12.94 29.28 -27.51
N SER C 58 13.73 29.62 -28.53
CA SER C 58 13.78 30.99 -29.08
C SER C 58 12.42 31.46 -29.64
N GLU C 59 11.53 30.51 -29.89
CA GLU C 59 10.27 30.78 -30.55
C GLU C 59 9.08 30.61 -29.62
N ARG C 60 9.30 30.25 -28.35
CA ARG C 60 8.20 30.05 -27.40
C ARG C 60 7.39 31.34 -27.10
N CYS C 61 8.05 32.49 -26.93
CA CYS C 61 7.33 33.73 -26.64
C CYS C 61 6.38 34.09 -27.79
N TYR C 62 6.83 33.85 -29.02
CA TYR C 62 6.00 34.03 -30.21
C TYR C 62 4.81 33.11 -30.23
N LEU C 63 4.98 31.83 -29.87
CA LEU C 63 3.83 30.92 -29.75
C LEU C 63 2.87 31.45 -28.67
N MET C 64 3.46 31.91 -27.57
CA MET C 64 2.71 32.33 -26.41
C MET C 64 1.97 33.65 -26.65
N LYS C 65 2.47 34.47 -27.59
CA LYS C 65 1.78 35.65 -28.15
C LYS C 65 0.52 35.26 -28.93
N GLN C 66 0.64 34.21 -29.74
CA GLN C 66 -0.48 33.72 -30.54
C GLN C 66 -1.62 33.24 -29.67
N VAL C 67 -1.27 32.60 -28.55
CA VAL C 67 -2.28 32.11 -27.61
C VAL C 67 -2.92 33.30 -26.89
N LEU C 68 -2.12 34.31 -26.59
CA LEU C 68 -2.63 35.57 -26.01
C LEU C 68 -3.63 36.28 -26.93
N ASN C 69 -3.32 36.28 -28.23
CA ASN C 69 -4.09 37.04 -29.22
C ASN C 69 -5.28 36.27 -29.77
N PHE C 70 -5.20 34.95 -29.81
CA PHE C 70 -6.41 34.14 -29.97
C PHE C 70 -7.36 34.43 -28.82
N THR C 71 -6.80 34.40 -27.61
CA THR C 71 -7.63 34.32 -26.42
C THR C 71 -8.44 35.60 -26.18
N LEU C 72 -7.74 36.72 -25.92
CA LEU C 72 -8.38 38.04 -25.82
C LEU C 72 -9.39 38.17 -26.94
N GLU C 73 -8.89 38.01 -28.17
CA GLU C 73 -9.69 38.33 -29.36
C GLU C 73 -10.76 37.27 -29.67
N GLU C 74 -10.86 36.23 -28.85
CA GLU C 74 -11.90 35.20 -29.03
C GLU C 74 -12.17 34.38 -27.75
N VAL C 91 -8.48 41.53 -18.42
CA VAL C 91 -8.09 42.04 -19.74
C VAL C 91 -7.03 43.14 -19.67
N PRO C 92 -7.19 44.14 -18.76
CA PRO C 92 -6.22 45.24 -18.78
C PRO C 92 -4.74 44.77 -18.71
N PHE C 93 -4.40 43.99 -17.68
CA PHE C 93 -3.04 43.44 -17.55
C PHE C 93 -2.62 42.78 -18.88
N LEU C 94 -3.48 41.90 -19.39
CA LEU C 94 -3.27 41.16 -20.66
C LEU C 94 -2.91 42.02 -21.89
N ALA C 95 -3.65 43.12 -22.08
CA ALA C 95 -3.46 43.97 -23.27
C ALA C 95 -2.16 44.78 -23.17
N ARG C 96 -1.75 45.03 -21.94
CA ARG C 96 -0.49 45.72 -21.66
C ARG C 96 0.64 44.81 -22.17
N LEU C 97 0.54 43.53 -21.85
CA LEU C 97 1.51 42.54 -22.37
C LEU C 97 1.34 42.30 -23.88
N SER C 98 0.11 42.28 -24.37
CA SER C 98 -0.17 42.02 -25.80
C SER C 98 0.34 43.14 -26.72
N ASN C 99 -0.15 44.35 -26.51
CA ASN C 99 0.29 45.53 -27.26
C ASN C 99 1.77 45.52 -27.60
N ARG C 100 2.58 45.25 -26.59
CA ARG C 100 4.04 45.21 -26.70
C ARG C 100 4.54 44.14 -27.67
N LEU C 101 3.75 43.08 -27.85
CA LEU C 101 4.13 41.97 -28.68
C LEU C 101 3.59 42.10 -30.11
N SER C 102 3.02 43.25 -30.46
CA SER C 102 2.65 43.49 -31.86
C SER C 102 3.86 43.24 -32.76
N THR C 103 5.00 43.79 -32.34
CA THR C 103 6.25 43.76 -33.11
C THR C 103 6.95 42.39 -33.03
N CYS C 104 6.42 41.50 -32.20
CA CYS C 104 7.00 40.19 -32.01
C CYS C 104 6.59 39.25 -33.16
N HIS C 105 7.58 38.79 -33.92
CA HIS C 105 7.40 37.82 -35.00
C HIS C 105 8.65 36.96 -35.14
N ILE C 106 8.57 35.87 -35.91
CA ILE C 106 9.77 35.12 -36.32
C ILE C 106 9.98 35.25 -37.82
N GLU C 107 11.08 34.71 -38.31
CA GLU C 107 11.31 34.66 -39.74
C GLU C 107 11.20 33.23 -40.28
N GLY C 108 10.84 33.15 -41.55
CA GLY C 108 10.48 31.87 -42.14
C GLY C 108 9.07 31.46 -41.73
N ASP C 109 8.72 30.26 -42.18
CA ASP C 109 7.38 29.70 -41.99
C ASP C 109 7.09 29.44 -40.50
N ASP C 110 5.92 29.89 -40.05
CA ASP C 110 5.50 29.70 -38.66
C ASP C 110 4.38 28.67 -38.49
N LEU C 111 4.23 27.80 -39.48
CA LEU C 111 3.14 26.82 -39.46
C LEU C 111 3.29 25.83 -38.32
N HIS C 112 4.53 25.50 -37.99
CA HIS C 112 4.83 24.58 -36.90
C HIS C 112 4.37 25.17 -35.56
N ILE C 113 4.22 26.50 -35.51
CA ILE C 113 3.68 27.20 -34.38
C ILE C 113 2.15 27.26 -34.44
N GLN C 114 1.61 27.71 -35.57
CA GLN C 114 0.17 27.95 -35.72
C GLN C 114 -0.63 26.65 -35.61
N ARG C 115 -0.03 25.53 -36.03
CA ARG C 115 -0.69 24.24 -35.92
C ARG C 115 -0.90 23.88 -34.44
N ASN C 116 -0.01 24.32 -33.58
CA ASN C 116 -0.14 24.03 -32.15
C ASN C 116 -1.22 24.93 -31.55
N VAL C 117 -1.20 26.20 -31.93
CA VAL C 117 -2.22 27.14 -31.49
C VAL C 117 -3.62 26.68 -31.91
N GLN C 118 -3.75 26.23 -33.15
CA GLN C 118 -5.05 25.78 -33.70
C GLN C 118 -5.63 24.59 -32.94
N LYS C 119 -4.75 23.76 -32.43
CA LYS C 119 -5.13 22.65 -31.53
C LYS C 119 -5.84 23.22 -30.27
N LEU C 120 -5.31 24.31 -29.71
CA LEU C 120 -5.93 24.95 -28.54
C LEU C 120 -7.29 25.53 -28.90
N LYS C 121 -7.35 26.31 -29.97
CA LYS C 121 -8.59 26.94 -30.45
C LYS C 121 -9.71 25.97 -30.76
N ASP C 122 -9.39 24.91 -31.51
CA ASP C 122 -10.33 23.83 -31.77
C ASP C 122 -10.91 23.27 -30.45
N THR C 123 -10.02 23.02 -29.48
CA THR C 123 -10.41 22.52 -28.16
C THR C 123 -11.22 23.56 -27.33
N VAL C 124 -10.89 24.85 -27.45
CA VAL C 124 -11.60 25.91 -26.73
C VAL C 124 -12.92 26.28 -27.43
N LYS C 125 -13.27 25.56 -28.49
CA LYS C 125 -14.52 25.73 -29.19
C LYS C 125 -15.37 24.47 -29.07
N LYS C 126 -14.76 23.30 -29.28
CA LYS C 126 -15.45 22.00 -29.27
C LYS C 126 -16.13 21.74 -27.93
N LEU C 127 -15.59 22.36 -26.88
CA LEU C 127 -16.19 22.30 -25.58
C LEU C 127 -17.28 23.39 -25.44
N GLY C 128 -17.42 24.24 -26.46
CA GLY C 128 -18.47 25.29 -26.51
C GLY C 128 -18.39 26.17 -25.28
N GLU C 129 -19.51 26.26 -24.56
CA GLU C 129 -19.57 26.89 -23.24
C GLU C 129 -18.34 26.57 -22.41
N SER C 130 -18.12 25.26 -22.22
CA SER C 130 -17.06 24.75 -21.38
C SER C 130 -15.70 25.13 -21.95
N GLY C 131 -15.60 25.22 -23.28
CA GLY C 131 -14.37 25.68 -23.89
C GLY C 131 -14.09 27.10 -23.43
N GLU C 132 -15.06 27.99 -23.66
CA GLU C 132 -14.98 29.39 -23.20
C GLU C 132 -14.58 29.45 -21.72
N ILE C 133 -15.33 28.75 -20.86
CA ILE C 133 -15.14 28.82 -19.41
C ILE C 133 -13.83 28.20 -18.98
N LYS C 134 -13.50 27.07 -19.58
CA LYS C 134 -12.20 26.42 -19.34
C LYS C 134 -11.07 27.35 -19.78
N ALA C 135 -11.20 27.92 -20.98
CA ALA C 135 -10.24 28.93 -21.47
C ALA C 135 -10.13 30.07 -20.47
N ILE C 136 -11.28 30.70 -20.20
CA ILE C 136 -11.41 31.71 -19.13
C ILE C 136 -10.87 31.24 -17.75
N GLY C 137 -11.05 29.94 -17.42
CA GLY C 137 -10.63 29.41 -16.14
C GLY C 137 -9.13 29.32 -15.94
N GLU C 138 -8.37 29.26 -17.05
CA GLU C 138 -6.91 29.10 -17.01
C GLU C 138 -6.15 30.38 -17.36
N LEU C 139 -6.90 31.48 -17.51
CA LEU C 139 -6.34 32.84 -17.71
C LEU C 139 -5.05 33.15 -16.95
N ASP C 140 -4.78 32.40 -15.90
CA ASP C 140 -3.59 32.60 -15.06
C ASP C 140 -2.42 31.77 -15.55
N LEU C 141 -2.68 30.51 -15.94
CA LEU C 141 -1.66 29.69 -16.58
C LEU C 141 -1.13 30.40 -17.84
N LEU C 142 -2.02 31.04 -18.61
CA LEU C 142 -1.59 31.82 -19.77
C LEU C 142 -0.54 32.86 -19.36
N PHE C 143 -0.65 33.37 -18.13
CA PHE C 143 0.27 34.40 -17.58
C PHE C 143 1.58 33.82 -17.14
N MET C 144 1.51 32.78 -16.31
CA MET C 144 2.68 32.08 -15.85
C MET C 144 3.55 31.63 -17.07
N SER C 145 2.89 31.13 -18.12
CA SER C 145 3.58 30.62 -19.34
C SER C 145 4.17 31.73 -20.18
N LEU C 146 3.40 32.81 -20.33
CA LEU C 146 3.81 34.03 -21.04
C LEU C 146 5.07 34.61 -20.45
N ARG C 147 4.98 35.02 -19.19
CA ARG C 147 6.15 35.49 -18.44
C ARG C 147 7.36 34.58 -18.68
N ASN C 148 7.19 33.30 -18.37
CA ASN C 148 8.32 32.35 -18.33
C ASN C 148 9.04 32.18 -19.68
N ALA C 149 8.27 32.24 -20.78
CA ALA C 149 8.80 32.16 -22.16
C ALA C 149 9.40 33.50 -22.67
N CYS C 150 8.78 34.61 -22.27
CA CYS C 150 9.12 35.93 -22.83
C CYS C 150 10.26 36.64 -22.09
N ILE C 151 10.49 36.29 -20.83
CA ILE C 151 11.80 36.54 -20.20
C ILE C 151 12.56 35.19 -20.12
#